data_7XZ3
#
_entry.id   7XZ3
#
_cell.length_a   30.946
_cell.length_b   54.432
_cell.length_c   96.364
_cell.angle_alpha   106.500
_cell.angle_beta   91.490
_cell.angle_gamma   90.090
#
_symmetry.space_group_name_H-M   'P 1'
#
loop_
_entity.id
_entity.type
_entity.pdbx_description
1 polymer 'CRISPR-associated protein, Csh2 family'
2 water water
#
_entity_poly.entity_id   1
_entity_poly.type   'polypeptide(L)'
_entity_poly.pdbx_seq_one_letter_code
;GGGGGGMPILDSDILYLYDAKLTNPNGDPDDENRPRMDSVTGRNLVSDVRLKRYLRDYWLDDGQDIWVRKNEDGTTTDAK
SRMSVLLEEYNRTSGQKLSTKEARNSGEFRSWLLDRLMDVRLFGATMPMENSSITFTGPVQFSWGYSLHRVEINNSATIS
SHFAGRDTEGKGDYGTFGKDWRVLYSLIGFHGIVSRNRARHTGLRESDLEALDRAMLEAIPTEATSRSKIGQIPRFYLRL
EYSEGYPYRVGDLREDVVLEPVQGKTLDTLRDVRDYVINLEKVADRIAVRLDGLAGARLYVHPDVTFRGLDSLTGVLGDK
LQTLS
;
_entity_poly.pdbx_strand_id   A,B
#
# COMPACT_ATOMS: atom_id res chain seq x y z
N MET A 7 -6.47 -0.28 -16.00
CA MET A 7 -7.79 0.12 -16.50
C MET A 7 -8.35 1.26 -15.65
N PRO A 8 -8.84 2.30 -16.32
CA PRO A 8 -9.48 3.41 -15.59
C PRO A 8 -10.76 2.98 -14.90
N ILE A 9 -11.09 3.71 -13.83
CA ILE A 9 -12.38 3.48 -13.18
C ILE A 9 -13.48 4.02 -14.07
N LEU A 10 -14.51 3.21 -14.30
CA LEU A 10 -15.66 3.63 -15.08
C LEU A 10 -16.85 3.91 -14.16
N ASP A 11 -17.74 4.79 -14.61
CA ASP A 11 -18.99 4.98 -13.90
C ASP A 11 -19.78 3.67 -13.90
N SER A 12 -20.46 3.39 -12.79
CA SER A 12 -21.25 2.18 -12.65
C SER A 12 -22.61 2.47 -12.04
N ASP A 13 -23.58 1.61 -12.37
CA ASP A 13 -24.84 1.43 -11.66
C ASP A 13 -24.87 0.05 -11.05
N ILE A 14 -25.50 -0.07 -9.88
CA ILE A 14 -25.61 -1.34 -9.17
C ILE A 14 -27.08 -1.60 -8.86
N LEU A 15 -27.51 -2.83 -9.09
CA LEU A 15 -28.79 -3.33 -8.58
C LEU A 15 -28.48 -4.53 -7.69
N TYR A 16 -28.95 -4.50 -6.44
CA TYR A 16 -28.57 -5.49 -5.44
C TYR A 16 -29.80 -5.94 -4.68
N LEU A 17 -30.05 -7.26 -4.67
CA LEU A 17 -31.17 -7.82 -3.92
C LEU A 17 -30.67 -8.89 -2.96
N TYR A 18 -31.19 -8.87 -1.74
CA TYR A 18 -30.91 -9.93 -0.77
C TYR A 18 -32.13 -10.05 0.12
N ASP A 19 -32.34 -11.23 0.68
CA ASP A 19 -33.52 -11.37 1.53
C ASP A 19 -33.10 -11.65 2.96
N ALA A 20 -34.05 -11.43 3.87
CA ALA A 20 -33.84 -11.55 5.30
C ALA A 20 -35.09 -12.19 5.86
N LYS A 21 -34.91 -13.19 6.72
CA LYS A 21 -36.01 -14.07 7.11
C LYS A 21 -35.97 -14.30 8.61
N LEU A 22 -37.13 -14.65 9.16
CA LEU A 22 -37.29 -15.11 10.53
C LEU A 22 -36.94 -14.03 11.55
N ARG A 36 -52.75 0.58 20.05
CA ARG A 36 -52.51 -0.86 19.91
C ARG A 36 -52.85 -1.32 18.50
N MET A 37 -52.04 -2.25 17.98
CA MET A 37 -52.14 -2.67 16.60
C MET A 37 -51.83 -4.16 16.49
N ASP A 38 -52.45 -4.82 15.51
CA ASP A 38 -52.00 -6.11 15.02
C ASP A 38 -52.14 -6.11 13.50
N SER A 39 -51.78 -7.24 12.88
CA SER A 39 -51.87 -7.38 11.43
C SER A 39 -51.06 -6.29 10.73
N VAL A 40 -49.92 -5.96 11.31
CA VAL A 40 -49.10 -4.84 10.85
C VAL A 40 -48.31 -5.25 9.61
N THR A 41 -48.27 -4.37 8.62
CA THR A 41 -47.44 -4.53 7.44
C THR A 41 -46.86 -3.19 7.06
N GLY A 42 -45.83 -3.21 6.22
CA GLY A 42 -45.26 -1.97 5.75
C GLY A 42 -44.09 -2.23 4.83
N ARG A 43 -43.37 -1.16 4.52
CA ARG A 43 -42.18 -1.24 3.67
C ARG A 43 -40.95 -1.21 4.55
N ASN A 44 -40.20 -2.31 4.55
CA ASN A 44 -38.97 -2.42 5.31
C ASN A 44 -37.88 -1.56 4.69
N LEU A 45 -37.08 -0.91 5.55
CA LEU A 45 -36.02 -0.01 5.10
C LEU A 45 -34.68 -0.41 5.70
N VAL A 46 -33.62 -0.28 4.91
CA VAL A 46 -32.26 -0.57 5.35
C VAL A 46 -31.38 0.61 4.93
N SER A 47 -30.70 1.21 5.89
CA SER A 47 -29.89 2.37 5.55
C SER A 47 -28.64 1.93 4.79
N ASP A 48 -28.14 2.83 3.94
CA ASP A 48 -26.88 2.56 3.28
C ASP A 48 -25.73 2.43 4.28
N VAL A 49 -25.83 3.13 5.42
CA VAL A 49 -24.81 3.01 6.45
C VAL A 49 -24.72 1.57 6.97
N ARG A 50 -25.87 0.92 7.16
CA ARG A 50 -25.85 -0.47 7.61
C ARG A 50 -25.25 -1.39 6.56
N LEU A 51 -25.60 -1.20 5.28
CA LEU A 51 -25.02 -2.04 4.23
C LEU A 51 -23.51 -1.87 4.18
N LYS A 52 -23.03 -0.63 4.25
CA LYS A 52 -21.59 -0.42 4.22
C LYS A 52 -20.92 -1.00 5.47
N ARG A 53 -21.64 -1.06 6.59
CA ARG A 53 -21.07 -1.67 7.78
C ARG A 53 -20.84 -3.17 7.60
N TYR A 54 -21.77 -3.85 6.90
CA TYR A 54 -21.55 -5.27 6.60
C TYR A 54 -20.29 -5.45 5.78
N LEU A 55 -20.12 -4.62 4.74
CA LEU A 55 -18.97 -4.73 3.86
C LEU A 55 -17.67 -4.46 4.61
N ARG A 56 -17.66 -3.42 5.47
CA ARG A 56 -16.45 -3.11 6.22
C ARG A 56 -16.08 -4.22 7.18
N ASP A 57 -17.08 -4.73 7.92
CA ASP A 57 -16.80 -5.80 8.88
C ASP A 57 -16.23 -7.03 8.19
N TYR A 58 -16.67 -7.29 6.95
CA TYR A 58 -16.16 -8.42 6.18
C TYR A 58 -14.69 -8.24 5.83
N TRP A 59 -14.31 -7.05 5.37
CA TRP A 59 -12.91 -6.80 5.05
C TRP A 59 -12.04 -6.76 6.29
N LEU A 60 -12.60 -6.28 7.41
CA LEU A 60 -11.87 -6.29 8.67
C LEU A 60 -11.56 -7.72 9.11
N ASP A 61 -12.57 -8.59 9.04
CA ASP A 61 -12.38 -10.01 9.37
C ASP A 61 -11.43 -10.68 8.39
N ASP A 62 -11.21 -10.09 7.22
CA ASP A 62 -10.21 -10.55 6.27
C ASP A 62 -8.84 -9.93 6.55
N GLY A 63 -8.67 -9.27 7.69
CA GLY A 63 -7.39 -8.74 8.10
C GLY A 63 -7.03 -7.40 7.50
N GLN A 64 -7.93 -6.77 6.77
CA GLN A 64 -7.61 -5.51 6.11
C GLN A 64 -7.69 -4.36 7.10
N ASP A 65 -6.94 -3.30 6.81
CA ASP A 65 -7.02 -2.07 7.60
C ASP A 65 -8.23 -1.27 7.14
N ILE A 66 -9.12 -0.96 8.06
CA ILE A 66 -10.39 -0.31 7.76
C ILE A 66 -10.55 0.90 8.69
N TRP A 67 -11.06 2.01 8.14
CA TRP A 67 -11.19 3.22 8.93
C TRP A 67 -12.35 3.12 9.92
N VAL A 68 -13.53 2.70 9.46
CA VAL A 68 -14.72 2.68 10.31
C VAL A 68 -14.76 1.31 10.96
N ARG A 69 -14.09 1.18 12.11
CA ARG A 69 -13.99 -0.09 12.80
C ARG A 69 -14.19 0.12 14.29
N LYS A 70 -14.53 -0.97 14.97
CA LYS A 70 -14.72 -0.99 16.41
C LYS A 70 -13.51 -1.61 17.11
N ASN A 71 -13.61 -1.77 18.42
CA ASN A 71 -12.52 -2.31 19.22
C ASN A 71 -12.61 -3.83 19.34
N GLY A 74 -16.92 -4.67 21.24
CA GLY A 74 -17.64 -4.02 20.17
C GLY A 74 -17.88 -2.54 20.43
N THR A 75 -16.90 -1.90 21.05
CA THR A 75 -16.93 -0.47 21.34
C THR A 75 -16.29 0.35 20.22
N THR A 76 -16.95 1.43 19.83
CA THR A 76 -16.45 2.29 18.77
C THR A 76 -15.27 3.12 19.27
N THR A 77 -14.40 3.51 18.32
CA THR A 77 -13.18 4.25 18.62
C THR A 77 -13.34 5.71 18.23
N ASP A 78 -12.85 6.61 19.09
CA ASP A 78 -12.95 8.04 18.81
C ASP A 78 -12.15 8.38 17.55
N ALA A 79 -12.85 8.96 16.56
CA ALA A 79 -12.21 9.21 15.27
C ALA A 79 -11.05 10.19 15.40
N LYS A 80 -11.20 11.22 16.24
CA LYS A 80 -10.14 12.21 16.38
C LYS A 80 -8.89 11.59 16.98
N SER A 81 -9.06 10.62 17.89
CA SER A 81 -7.91 9.91 18.43
C SER A 81 -7.25 9.04 17.38
N ARG A 82 -8.06 8.36 16.57
CA ARG A 82 -7.51 7.52 15.50
C ARG A 82 -6.74 8.34 14.49
N MET A 83 -7.25 9.52 14.13
CA MET A 83 -6.53 10.38 13.19
C MET A 83 -5.24 10.92 13.79
N SER A 84 -5.24 11.25 15.09
CA SER A 84 -4.02 11.73 15.72
C SER A 84 -2.93 10.66 15.67
N VAL A 85 -3.31 9.39 15.88
CA VAL A 85 -2.35 8.30 15.78
C VAL A 85 -1.83 8.17 14.36
N LEU A 86 -2.73 8.26 13.38
CA LEU A 86 -2.32 8.11 11.99
C LEU A 86 -1.38 9.24 11.58
N LEU A 87 -1.68 10.46 12.00
CA LEU A 87 -0.83 11.59 11.63
C LEU A 87 0.56 11.46 12.25
N GLU A 88 0.63 11.05 13.52
CA GLU A 88 1.94 10.92 14.15
C GLU A 88 2.76 9.83 13.50
N GLU A 89 2.10 8.74 13.05
CA GLU A 89 2.82 7.68 12.35
C GLU A 89 3.33 8.16 11.00
N TYR A 90 2.49 8.87 10.24
CA TYR A 90 2.95 9.44 8.98
C TYR A 90 4.11 10.40 9.17
N ASN A 91 4.06 11.22 10.23
CA ASN A 91 5.13 12.19 10.45
C ASN A 91 6.46 11.52 10.76
N ARG A 92 6.44 10.50 11.62
CA ARG A 92 7.70 9.86 11.98
C ARG A 92 8.23 8.98 10.85
N THR A 93 7.36 8.37 10.04
CA THR A 93 7.87 7.62 8.90
C THR A 93 8.35 8.57 7.79
N SER A 94 7.65 9.68 7.56
CA SER A 94 8.04 10.55 6.45
C SER A 94 9.10 11.57 6.82
N GLY A 95 9.49 11.66 8.09
CA GLY A 95 10.43 12.68 8.50
C GLY A 95 9.88 14.09 8.43
N GLN A 96 8.57 14.25 8.54
CA GLN A 96 7.93 15.55 8.57
C GLN A 96 7.42 15.82 9.97
N LYS A 97 6.90 17.03 10.16
CA LYS A 97 6.27 17.42 11.41
C LYS A 97 5.00 18.20 11.08
N LEU A 98 4.17 17.63 10.21
CA LEU A 98 2.93 18.28 9.83
C LEU A 98 2.06 18.51 11.05
N SER A 99 1.54 19.73 11.16
CA SER A 99 0.48 20.02 12.10
C SER A 99 -0.84 19.54 11.53
N THR A 100 -1.88 19.54 12.36
CA THR A 100 -3.17 19.09 11.87
C THR A 100 -3.67 19.97 10.74
N LYS A 101 -3.41 21.28 10.83
CA LYS A 101 -3.79 22.18 9.74
C LYS A 101 -2.96 21.92 8.50
N GLU A 102 -1.65 21.69 8.66
CA GLU A 102 -0.82 21.35 7.51
C GLU A 102 -1.21 19.99 6.95
N ALA A 103 -1.53 19.04 7.83
CA ALA A 103 -1.90 17.70 7.37
C ALA A 103 -3.16 17.75 6.52
N ARG A 104 -4.09 18.64 6.86
CA ARG A 104 -5.33 18.73 6.08
C ARG A 104 -5.05 19.13 4.65
N ASN A 105 -4.06 19.99 4.44
CA ASN A 105 -3.72 20.53 3.13
C ASN A 105 -2.66 19.71 2.40
N SER A 106 -2.23 18.59 2.97
CA SER A 106 -1.10 17.81 2.44
C SER A 106 -1.63 16.71 1.53
N GLY A 107 -1.42 16.86 0.22
CA GLY A 107 -1.77 15.80 -0.71
C GLY A 107 -1.01 14.52 -0.44
N GLU A 108 0.20 14.63 0.11
CA GLU A 108 0.98 13.45 0.43
C GLU A 108 0.37 12.67 1.60
N PHE A 109 -0.03 13.37 2.67
CA PHE A 109 -0.69 12.69 3.77
C PHE A 109 -2.04 12.13 3.35
N ARG A 110 -2.79 12.87 2.53
CA ARG A 110 -4.08 12.36 2.07
C ARG A 110 -3.90 11.09 1.25
N SER A 111 -2.93 11.08 0.33
CA SER A 111 -2.69 9.88 -0.47
C SER A 111 -2.19 8.72 0.39
N TRP A 112 -1.43 9.01 1.44
CA TRP A 112 -0.95 7.97 2.36
C TRP A 112 -2.10 7.35 3.14
N LEU A 113 -3.06 8.17 3.56
CA LEU A 113 -4.24 7.63 4.22
C LEU A 113 -5.03 6.74 3.26
N LEU A 114 -5.25 7.22 2.04
CA LEU A 114 -6.02 6.46 1.06
C LEU A 114 -5.34 5.14 0.70
N ASP A 115 -4.01 5.15 0.58
CA ASP A 115 -3.30 3.91 0.28
C ASP A 115 -3.51 2.87 1.38
N ARG A 116 -3.75 3.32 2.61
CA ARG A 116 -3.82 2.46 3.77
C ARG A 116 -5.23 1.95 4.07
N LEU A 117 -6.28 2.68 3.69
CA LEU A 117 -7.65 2.38 4.12
C LEU A 117 -8.55 2.18 2.90
N MET A 118 -8.78 0.91 2.52
CA MET A 118 -9.56 0.63 1.32
C MET A 118 -11.00 1.11 1.44
N ASP A 119 -11.58 1.08 2.65
CA ASP A 119 -12.97 1.53 2.77
C ASP A 119 -13.11 3.02 2.55
N VAL A 120 -12.04 3.79 2.77
CA VAL A 120 -12.10 5.22 2.44
C VAL A 120 -12.00 5.42 0.93
N ARG A 121 -11.18 4.60 0.25
CA ARG A 121 -11.09 4.71 -1.20
C ARG A 121 -12.44 4.45 -1.84
N LEU A 122 -13.22 3.55 -1.26
CA LEU A 122 -14.52 3.18 -1.82
C LEU A 122 -15.62 4.13 -1.35
N PHE A 123 -15.76 4.32 -0.04
CA PHE A 123 -16.92 4.99 0.53
C PHE A 123 -16.63 6.39 1.07
N GLY A 124 -15.39 6.85 1.04
CA GLY A 124 -15.07 8.14 1.60
C GLY A 124 -15.06 8.08 3.12
N ALA A 125 -14.84 9.25 3.73
CA ALA A 125 -14.85 9.37 5.17
C ALA A 125 -14.78 10.85 5.55
N THR A 126 -15.27 11.16 6.75
CA THR A 126 -14.99 12.43 7.40
C THR A 126 -14.04 12.14 8.55
N MET A 127 -12.85 12.74 8.51
CA MET A 127 -11.75 12.36 9.39
C MET A 127 -11.35 13.58 10.22
N PRO A 128 -11.96 13.77 11.38
CA PRO A 128 -11.66 14.93 12.21
C PRO A 128 -10.28 14.82 12.85
N MET A 129 -9.67 15.98 13.02
CA MET A 129 -8.43 16.14 13.78
C MET A 129 -8.66 17.27 14.77
N GLU A 130 -7.71 17.45 15.69
CA GLU A 130 -7.80 18.60 16.58
C GLU A 130 -7.77 19.88 15.74
N ASN A 131 -8.88 20.62 15.77
CA ASN A 131 -8.99 21.92 15.08
C ASN A 131 -8.79 21.82 13.57
N SER A 132 -9.13 20.67 12.99
CA SER A 132 -9.05 20.49 11.54
C SER A 132 -9.87 19.25 11.18
N SER A 133 -9.99 18.99 9.87
CA SER A 133 -10.66 17.78 9.43
C SER A 133 -10.34 17.53 7.95
N ILE A 134 -10.29 16.25 7.59
CA ILE A 134 -10.14 15.82 6.21
C ILE A 134 -11.44 15.14 5.79
N THR A 135 -11.91 15.47 4.58
CA THR A 135 -13.14 14.90 4.06
C THR A 135 -12.86 14.24 2.72
N PHE A 136 -13.19 12.95 2.61
CA PHE A 136 -13.17 12.25 1.34
C PHE A 136 -14.60 11.91 0.95
N THR A 137 -14.98 12.26 -0.28
CA THR A 137 -16.31 11.95 -0.79
C THR A 137 -16.23 10.67 -1.60
N GLY A 138 -16.91 9.62 -1.12
CA GLY A 138 -16.77 8.31 -1.69
C GLY A 138 -17.34 8.17 -3.09
N PRO A 139 -16.54 7.58 -3.99
CA PRO A 139 -17.06 7.25 -5.32
C PRO A 139 -18.19 6.23 -5.31
N VAL A 140 -18.21 5.30 -4.35
CA VAL A 140 -19.26 4.29 -4.25
C VAL A 140 -20.31 4.80 -3.27
N GLN A 141 -21.55 4.91 -3.73
CA GLN A 141 -22.63 5.43 -2.91
C GLN A 141 -23.85 4.53 -3.09
N PHE A 142 -24.57 4.30 -2.00
CA PHE A 142 -25.78 3.49 -2.04
C PHE A 142 -26.98 4.31 -1.60
N SER A 143 -28.10 4.07 -2.25
CA SER A 143 -29.42 4.45 -1.76
C SER A 143 -29.70 3.74 -0.44
N TRP A 144 -30.74 4.19 0.25
CA TRP A 144 -31.37 3.33 1.23
C TRP A 144 -32.02 2.15 0.53
N GLY A 145 -31.94 0.98 1.14
CA GLY A 145 -32.61 -0.18 0.61
C GLY A 145 -34.05 -0.22 1.11
N TYR A 146 -34.91 -0.84 0.32
CA TYR A 146 -36.29 -1.05 0.75
C TYR A 146 -36.78 -2.41 0.25
N SER A 147 -37.78 -2.94 0.95
CA SER A 147 -38.38 -4.19 0.51
C SER A 147 -39.16 -3.96 -0.78
N LEU A 148 -39.02 -4.89 -1.72
CA LEU A 148 -39.71 -4.83 -3.01
C LEU A 148 -41.16 -5.26 -2.89
N HIS A 149 -41.59 -5.61 -1.69
CA HIS A 149 -42.96 -6.01 -1.39
C HIS A 149 -43.26 -5.49 0.00
N ARG A 150 -44.53 -5.53 0.39
CA ARG A 150 -44.87 -5.20 1.76
C ARG A 150 -44.55 -6.38 2.67
N VAL A 151 -43.92 -6.09 3.80
CA VAL A 151 -43.50 -7.11 4.75
C VAL A 151 -44.47 -7.16 5.91
N GLU A 152 -44.52 -8.30 6.58
CA GLU A 152 -45.33 -8.50 7.77
C GLU A 152 -44.47 -8.38 9.02
N ILE A 153 -45.02 -7.75 10.06
CA ILE A 153 -44.37 -7.63 11.35
C ILE A 153 -45.16 -8.45 12.38
N ASN A 154 -44.49 -9.40 13.01
CA ASN A 154 -45.07 -10.25 14.05
C ASN A 154 -44.11 -10.40 15.22
N TRP A 181 -41.46 -7.71 17.90
CA TRP A 181 -41.49 -6.78 16.78
C TRP A 181 -40.37 -7.06 15.80
N ARG A 182 -40.59 -8.02 14.90
CA ARG A 182 -39.58 -8.46 13.95
C ARG A 182 -40.24 -8.76 12.62
N VAL A 183 -39.49 -8.57 11.53
CA VAL A 183 -40.00 -8.74 10.18
C VAL A 183 -39.92 -10.22 9.79
N LEU A 184 -41.04 -10.76 9.28
CA LEU A 184 -41.07 -12.18 8.94
C LEU A 184 -40.18 -12.48 7.73
N TYR A 185 -40.31 -11.69 6.67
CA TYR A 185 -39.55 -11.94 5.44
C TYR A 185 -39.48 -10.65 4.64
N SER A 186 -38.30 -10.37 4.08
CA SER A 186 -38.08 -9.12 3.37
C SER A 186 -37.08 -9.34 2.25
N LEU A 187 -37.51 -9.16 1.01
CA LEU A 187 -36.59 -9.10 -0.12
C LEU A 187 -36.22 -7.64 -0.35
N ILE A 188 -35.00 -7.28 -0.01
CA ILE A 188 -34.52 -5.90 0.02
C ILE A 188 -33.79 -5.60 -1.28
N GLY A 189 -34.05 -4.42 -1.84
CA GLY A 189 -33.36 -3.96 -3.03
C GLY A 189 -32.57 -2.69 -2.74
N PHE A 190 -31.33 -2.65 -3.23
CA PHE A 190 -30.47 -1.48 -3.14
C PHE A 190 -30.10 -1.01 -4.54
N HIS A 191 -30.02 0.31 -4.71
CA HIS A 191 -29.39 0.91 -5.88
C HIS A 191 -28.08 1.54 -5.44
N GLY A 192 -27.03 1.33 -6.23
CA GLY A 192 -25.76 1.94 -5.95
C GLY A 192 -25.15 2.53 -7.21
N ILE A 193 -24.19 3.41 -7.02
CA ILE A 193 -23.44 4.01 -8.12
C ILE A 193 -21.95 3.98 -7.80
N VAL A 194 -21.15 3.97 -8.86
CA VAL A 194 -19.72 4.27 -8.77
C VAL A 194 -19.47 5.50 -9.62
N SER A 195 -18.86 6.53 -9.02
CA SER A 195 -18.63 7.80 -9.68
C SER A 195 -17.18 7.88 -10.15
N ARG A 196 -16.99 7.94 -11.47
CA ARG A 196 -15.66 8.07 -12.04
C ARG A 196 -14.95 9.32 -11.53
N ASN A 197 -15.66 10.45 -11.44
CA ASN A 197 -15.01 11.69 -11.02
C ASN A 197 -14.58 11.63 -9.57
N ARG A 198 -15.43 11.11 -8.68
CA ARG A 198 -15.04 11.01 -7.27
C ARG A 198 -13.90 10.02 -7.08
N ALA A 199 -13.83 8.98 -7.91
CA ALA A 199 -12.77 7.99 -7.77
C ALA A 199 -11.39 8.58 -8.00
N ARG A 200 -11.31 9.69 -8.75
CA ARG A 200 -10.04 10.36 -8.98
C ARG A 200 -9.49 10.97 -7.69
N HIS A 201 -10.36 11.39 -6.78
CA HIS A 201 -9.91 12.05 -5.55
C HIS A 201 -9.73 11.11 -4.36
N THR A 202 -10.09 9.84 -4.50
CA THR A 202 -9.88 8.87 -3.42
C THR A 202 -8.88 7.79 -3.79
N GLY A 203 -8.27 7.88 -4.97
CA GLY A 203 -7.31 6.86 -5.36
C GLY A 203 -7.91 5.49 -5.59
N LEU A 204 -9.19 5.42 -5.95
CA LEU A 204 -9.86 4.14 -6.12
C LEU A 204 -9.14 3.30 -7.16
N ARG A 205 -8.92 2.03 -6.83
CA ARG A 205 -8.21 1.10 -7.69
C ARG A 205 -9.21 0.12 -8.31
N GLU A 206 -8.90 -0.33 -9.52
CA GLU A 206 -9.75 -1.32 -10.18
C GLU A 206 -9.94 -2.54 -9.29
N SER A 207 -8.88 -2.94 -8.59
CA SER A 207 -8.96 -4.06 -7.65
C SER A 207 -9.89 -3.77 -6.47
N ASP A 208 -10.08 -2.49 -6.11
CA ASP A 208 -11.05 -2.17 -5.06
C ASP A 208 -12.46 -2.49 -5.51
N LEU A 209 -12.77 -2.27 -6.78
CA LEU A 209 -14.12 -2.53 -7.27
C LEU A 209 -14.39 -4.02 -7.38
N GLU A 210 -13.37 -4.79 -7.77
CA GLU A 210 -13.51 -6.23 -7.76
C GLU A 210 -13.69 -6.76 -6.35
N ALA A 211 -13.01 -6.15 -5.36
CA ALA A 211 -13.24 -6.54 -3.98
C ALA A 211 -14.64 -6.18 -3.52
N LEU A 212 -15.18 -5.06 -4.02
CA LEU A 212 -16.56 -4.70 -3.68
C LEU A 212 -17.53 -5.73 -4.24
N ASP A 213 -17.32 -6.14 -5.50
CA ASP A 213 -18.18 -7.16 -6.10
C ASP A 213 -18.18 -8.43 -5.27
N ARG A 214 -16.98 -8.89 -4.86
CA ARG A 214 -16.90 -10.12 -4.09
C ARG A 214 -17.52 -9.95 -2.70
N ALA A 215 -17.37 -8.77 -2.10
CA ALA A 215 -17.98 -8.52 -0.80
C ALA A 215 -19.50 -8.46 -0.88
N MET A 216 -20.04 -8.00 -2.01
CA MET A 216 -21.49 -7.99 -2.16
C MET A 216 -22.05 -9.41 -2.13
N LEU A 217 -21.24 -10.39 -2.55
CA LEU A 217 -21.66 -11.78 -2.51
C LEU A 217 -21.46 -12.41 -1.13
N GLU A 218 -20.40 -12.02 -0.40
CA GLU A 218 -19.97 -12.78 0.76
C GLU A 218 -20.13 -12.06 2.10
N ALA A 219 -20.24 -10.74 2.11
CA ALA A 219 -20.17 -10.01 3.37
C ALA A 219 -21.43 -10.22 4.21
N ILE A 220 -22.61 -10.08 3.60
CA ILE A 220 -23.85 -10.20 4.37
C ILE A 220 -24.01 -11.56 5.03
N PRO A 221 -23.90 -12.70 4.31
CA PRO A 221 -23.98 -13.98 5.03
C PRO A 221 -22.91 -14.15 6.09
N THR A 222 -21.71 -13.63 5.86
CA THR A 222 -20.64 -13.71 6.84
C THR A 222 -20.90 -12.82 8.05
N GLU A 223 -21.62 -11.71 7.87
CA GLU A 223 -21.79 -10.78 8.97
C GLU A 223 -23.24 -10.73 9.43
N LYS A 229 -30.86 -15.09 14.49
CA LYS A 229 -32.31 -15.18 14.35
C LYS A 229 -32.74 -14.80 12.94
N ILE A 230 -31.96 -13.95 12.27
CA ILE A 230 -32.28 -13.46 10.93
C ILE A 230 -31.20 -13.95 9.97
N GLY A 231 -31.57 -14.89 9.09
CA GLY A 231 -30.70 -15.29 8.00
C GLY A 231 -30.81 -14.33 6.83
N GLN A 232 -29.67 -13.92 6.29
CA GLN A 232 -29.64 -12.91 5.22
C GLN A 232 -28.79 -13.43 4.08
N ILE A 233 -29.35 -13.45 2.87
CA ILE A 233 -28.76 -14.14 1.73
C ILE A 233 -28.78 -13.26 0.50
N PRO A 234 -27.63 -12.92 -0.09
CA PRO A 234 -27.66 -12.22 -1.39
C PRO A 234 -28.34 -13.08 -2.45
N ARG A 235 -29.15 -12.44 -3.28
CA ARG A 235 -29.91 -13.17 -4.28
C ARG A 235 -29.63 -12.73 -5.70
N PHE A 236 -29.24 -11.47 -5.89
CA PHE A 236 -29.03 -10.92 -7.23
C PHE A 236 -28.09 -9.74 -7.07
N TYR A 237 -27.07 -9.67 -7.93
CA TYR A 237 -26.16 -8.54 -7.93
C TYR A 237 -25.78 -8.27 -9.37
N LEU A 238 -26.04 -7.06 -9.84
CA LEU A 238 -25.70 -6.64 -11.18
C LEU A 238 -25.00 -5.30 -11.10
N ARG A 239 -23.79 -5.21 -11.67
CA ARG A 239 -23.09 -3.94 -11.81
C ARG A 239 -22.87 -3.66 -13.29
N LEU A 240 -23.38 -2.53 -13.74
CA LEU A 240 -23.23 -2.08 -15.12
C LEU A 240 -22.17 -1.00 -15.16
N GLU A 241 -21.17 -1.16 -16.03
CA GLU A 241 -20.14 -0.16 -16.24
C GLU A 241 -20.36 0.56 -17.56
N TYR A 242 -20.11 1.86 -17.58
CA TYR A 242 -20.37 2.69 -18.74
C TYR A 242 -19.08 3.12 -19.39
N SER A 243 -19.12 3.24 -20.72
CA SER A 243 -17.97 3.70 -21.48
C SER A 243 -17.58 5.12 -21.06
N GLU A 244 -16.28 5.38 -21.11
CA GLU A 244 -15.73 6.68 -20.80
C GLU A 244 -16.46 7.79 -21.56
N GLY A 245 -16.97 8.76 -20.82
CA GLY A 245 -17.63 9.91 -21.41
C GLY A 245 -19.09 9.71 -21.76
N TYR A 246 -19.63 8.51 -21.59
CA TYR A 246 -21.03 8.29 -21.89
C TYR A 246 -21.90 9.03 -20.87
N PRO A 247 -22.86 9.83 -21.31
CA PRO A 247 -23.54 10.75 -20.39
C PRO A 247 -24.75 10.15 -19.66
N TYR A 248 -25.31 9.06 -20.16
CA TYR A 248 -26.58 8.55 -19.65
C TYR A 248 -26.35 7.32 -18.80
N ARG A 249 -27.37 6.97 -18.02
CA ARG A 249 -27.32 5.84 -17.11
C ARG A 249 -28.65 5.10 -17.12
N VAL A 250 -28.59 3.81 -16.82
CA VAL A 250 -29.81 3.08 -16.54
C VAL A 250 -30.47 3.62 -15.28
N GLY A 251 -29.67 3.97 -14.28
CA GLY A 251 -30.23 4.47 -13.03
C GLY A 251 -30.76 3.35 -12.14
N ASP A 252 -31.79 3.69 -11.36
CA ASP A 252 -32.37 2.79 -10.36
C ASP A 252 -33.34 1.82 -11.03
N LEU A 253 -33.00 0.53 -10.98
CA LEU A 253 -33.80 -0.52 -11.61
C LEU A 253 -34.81 -1.17 -10.69
N ARG A 254 -34.85 -0.79 -9.41
CA ARG A 254 -35.62 -1.55 -8.43
C ARG A 254 -37.11 -1.58 -8.77
N GLU A 255 -37.66 -0.48 -9.26
CA GLU A 255 -39.08 -0.47 -9.59
C GLU A 255 -39.39 -1.27 -10.84
N ASP A 256 -38.39 -1.56 -11.67
CA ASP A 256 -38.61 -2.40 -12.84
C ASP A 256 -38.61 -3.89 -12.52
N VAL A 257 -38.12 -4.27 -11.34
CA VAL A 257 -38.25 -5.66 -10.90
C VAL A 257 -39.71 -5.96 -10.58
N VAL A 258 -40.19 -7.11 -11.03
CA VAL A 258 -41.55 -7.53 -10.77
C VAL A 258 -41.52 -8.86 -10.05
N LEU A 259 -42.21 -8.93 -8.91
CA LEU A 259 -42.35 -10.18 -8.17
C LEU A 259 -43.69 -10.82 -8.53
N GLU A 260 -43.64 -12.10 -8.88
CA GLU A 260 -44.83 -12.84 -9.28
C GLU A 260 -45.06 -13.98 -8.31
N PRO A 261 -46.03 -13.86 -7.40
CA PRO A 261 -46.24 -14.93 -6.41
C PRO A 261 -46.65 -16.23 -7.06
N VAL A 262 -46.20 -17.33 -6.46
CA VAL A 262 -46.62 -18.65 -6.88
C VAL A 262 -48.04 -18.91 -6.41
N GLN A 263 -48.67 -19.94 -6.98
CA GLN A 263 -50.05 -20.25 -6.64
C GLN A 263 -50.18 -20.50 -5.14
N GLY A 264 -51.23 -19.94 -4.55
CA GLY A 264 -51.45 -20.00 -3.13
C GLY A 264 -50.85 -18.83 -2.37
N LYS A 265 -49.97 -18.05 -3.00
CA LYS A 265 -49.33 -16.91 -2.37
C LYS A 265 -49.80 -15.62 -3.04
N THR A 266 -49.64 -14.52 -2.30
CA THR A 266 -49.90 -13.18 -2.80
C THR A 266 -48.72 -12.30 -2.45
N LEU A 267 -48.69 -11.10 -3.03
CA LEU A 267 -47.63 -10.14 -2.75
C LEU A 267 -47.62 -9.68 -1.31
N ASP A 268 -48.69 -9.94 -0.55
CA ASP A 268 -48.74 -9.59 0.87
C ASP A 268 -48.36 -10.74 1.78
N THR A 269 -48.14 -11.95 1.25
CA THR A 269 -47.89 -13.12 2.08
C THR A 269 -46.60 -13.83 1.71
N LEU A 270 -45.64 -13.12 1.11
CA LEU A 270 -44.37 -13.75 0.78
C LEU A 270 -43.58 -14.02 2.06
N ARG A 271 -43.14 -15.27 2.23
CA ARG A 271 -42.46 -15.68 3.45
C ARG A 271 -41.16 -16.41 3.19
N ASP A 272 -40.80 -16.65 1.93
CA ASP A 272 -39.63 -17.43 1.60
C ASP A 272 -39.28 -17.18 0.14
N VAL A 273 -38.02 -17.45 -0.21
CA VAL A 273 -37.57 -17.22 -1.57
C VAL A 273 -38.35 -18.08 -2.57
N ARG A 274 -38.91 -19.20 -2.12
CA ARG A 274 -39.63 -20.10 -3.00
C ARG A 274 -41.05 -19.63 -3.28
N ASP A 275 -41.50 -18.55 -2.65
CA ASP A 275 -42.89 -18.10 -2.74
C ASP A 275 -43.17 -17.22 -3.94
N TYR A 276 -42.16 -16.89 -4.75
CA TYR A 276 -42.37 -15.92 -5.82
C TYR A 276 -41.34 -16.17 -6.91
N VAL A 277 -41.62 -15.61 -8.09
CA VAL A 277 -40.68 -15.58 -9.21
C VAL A 277 -40.26 -14.13 -9.42
N ILE A 278 -38.97 -13.92 -9.64
CA ILE A 278 -38.45 -12.58 -9.92
C ILE A 278 -38.42 -12.41 -11.44
N ASN A 279 -39.29 -11.55 -11.95
CA ASN A 279 -39.38 -11.29 -13.38
C ASN A 279 -38.46 -10.13 -13.73
N LEU A 280 -37.47 -10.40 -14.57
CA LEU A 280 -36.47 -9.42 -14.97
C LEU A 280 -36.74 -8.80 -16.33
N GLU A 281 -37.92 -9.04 -16.91
CA GLU A 281 -38.14 -8.67 -18.30
C GLU A 281 -38.01 -7.16 -18.51
N LYS A 282 -38.64 -6.36 -17.64
CA LYS A 282 -38.53 -4.90 -17.77
C LYS A 282 -37.13 -4.40 -17.44
N VAL A 283 -36.42 -5.10 -16.55
CA VAL A 283 -35.03 -4.75 -16.26
C VAL A 283 -34.17 -4.93 -17.50
N ALA A 284 -34.38 -6.02 -18.23
CA ALA A 284 -33.67 -6.21 -19.49
C ALA A 284 -34.01 -5.11 -20.48
N ASP A 285 -35.29 -4.71 -20.52
CA ASP A 285 -35.72 -3.69 -21.46
C ASP A 285 -35.05 -2.35 -21.15
N ARG A 286 -35.01 -1.97 -19.88
CA ARG A 286 -34.41 -0.71 -19.47
C ARG A 286 -32.92 -0.67 -19.79
N ILE A 287 -32.23 -1.78 -19.60
CA ILE A 287 -30.80 -1.84 -19.90
C ILE A 287 -30.55 -1.77 -21.40
N ALA A 288 -31.43 -2.36 -22.20
CA ALA A 288 -31.20 -2.41 -23.64
C ALA A 288 -31.15 -1.01 -24.25
N VAL A 289 -31.96 -0.09 -23.72
CA VAL A 289 -31.99 1.27 -24.26
C VAL A 289 -30.64 1.95 -24.12
N ARG A 290 -29.89 1.62 -23.06
CA ARG A 290 -28.59 2.23 -22.80
C ARG A 290 -27.44 1.37 -23.28
N LEU A 291 -27.71 0.36 -24.10
CA LEU A 291 -26.66 -0.55 -24.55
C LEU A 291 -25.55 0.18 -25.31
N ASP A 292 -25.87 1.31 -25.94
CA ASP A 292 -24.85 2.05 -26.69
C ASP A 292 -23.75 2.60 -25.79
N GLY A 293 -23.98 2.71 -24.49
CA GLY A 293 -22.95 3.20 -23.59
C GLY A 293 -22.38 2.17 -22.64
N LEU A 294 -22.84 0.93 -22.72
CA LEU A 294 -22.45 -0.07 -21.75
C LEU A 294 -21.07 -0.63 -22.09
N ALA A 295 -20.15 -0.57 -21.14
CA ALA A 295 -18.80 -1.09 -21.33
C ALA A 295 -18.63 -2.51 -20.80
N GLY A 296 -19.35 -2.87 -19.76
CA GLY A 296 -19.22 -4.18 -19.16
C GLY A 296 -20.28 -4.36 -18.10
N ALA A 297 -20.43 -5.61 -17.67
CA ALA A 297 -21.42 -5.92 -16.65
C ALA A 297 -20.94 -7.09 -15.81
N ARG A 298 -21.25 -7.04 -14.51
CA ARG A 298 -20.98 -8.15 -13.60
C ARG A 298 -22.33 -8.64 -13.08
N LEU A 299 -22.54 -9.95 -13.06
CA LEU A 299 -23.84 -10.46 -12.65
C LEU A 299 -23.67 -11.72 -11.81
N TYR A 300 -24.40 -11.76 -10.70
CA TYR A 300 -24.48 -12.92 -9.84
C TYR A 300 -25.94 -13.20 -9.55
N VAL A 301 -26.34 -14.47 -9.56
CA VAL A 301 -27.68 -14.86 -9.14
C VAL A 301 -27.56 -16.07 -8.23
N HIS A 302 -28.38 -16.10 -7.18
CA HIS A 302 -28.42 -17.23 -6.27
C HIS A 302 -29.19 -18.38 -6.91
N PRO A 303 -28.68 -19.61 -6.80
CA PRO A 303 -29.33 -20.75 -7.47
C PRO A 303 -30.74 -21.06 -6.99
N ASP A 304 -31.10 -20.69 -5.76
CA ASP A 304 -32.43 -21.02 -5.26
C ASP A 304 -33.53 -20.06 -5.74
N VAL A 305 -33.17 -18.95 -6.40
CA VAL A 305 -34.18 -18.04 -6.93
C VAL A 305 -34.72 -18.59 -8.26
N THR A 306 -36.02 -18.40 -8.48
CA THR A 306 -36.63 -18.70 -9.77
C THR A 306 -36.83 -17.39 -10.52
N PHE A 307 -36.18 -17.26 -11.66
CA PHE A 307 -36.28 -16.05 -12.47
C PHE A 307 -37.17 -16.27 -13.69
N ARG A 308 -37.76 -15.17 -14.14
CA ARG A 308 -38.29 -15.03 -15.48
C ARG A 308 -37.51 -13.93 -16.16
N GLY A 309 -37.11 -14.15 -17.41
CA GLY A 309 -36.40 -13.11 -18.15
C GLY A 309 -34.93 -12.99 -17.83
N LEU A 310 -34.36 -13.93 -17.07
CA LEU A 310 -32.91 -13.93 -16.88
C LEU A 310 -32.19 -14.17 -18.20
N ASP A 311 -32.78 -14.97 -19.08
CA ASP A 311 -32.20 -15.18 -20.41
C ASP A 311 -32.28 -13.90 -21.24
N SER A 312 -33.35 -13.13 -21.08
CA SER A 312 -33.43 -11.83 -21.75
C SER A 312 -32.33 -10.90 -21.26
N LEU A 313 -32.05 -10.92 -19.95
CA LEU A 313 -31.03 -10.06 -19.39
C LEU A 313 -29.64 -10.44 -19.91
N THR A 314 -29.30 -11.73 -19.85
CA THR A 314 -27.98 -12.15 -20.32
C THR A 314 -27.83 -11.96 -21.81
N GLY A 315 -28.92 -12.08 -22.57
CA GLY A 315 -28.85 -11.86 -24.01
C GLY A 315 -28.63 -10.41 -24.37
N VAL A 316 -29.26 -9.50 -23.63
CA VAL A 316 -29.02 -8.08 -23.83
C VAL A 316 -27.56 -7.75 -23.55
N LEU A 317 -27.03 -8.26 -22.43
CA LEU A 317 -25.65 -7.94 -22.04
C LEU A 317 -24.63 -8.55 -22.98
N GLY A 318 -24.92 -9.72 -23.55
CA GLY A 318 -24.03 -10.29 -24.56
C GLY A 318 -22.62 -10.50 -24.06
N ASP A 319 -21.64 -10.15 -24.91
CA ASP A 319 -20.23 -10.31 -24.59
C ASP A 319 -19.71 -9.35 -23.53
N LYS A 320 -20.51 -8.35 -23.13
CA LYS A 320 -20.09 -7.47 -22.05
C LYS A 320 -20.20 -8.12 -20.68
N LEU A 321 -20.89 -9.25 -20.57
CA LEU A 321 -21.20 -9.83 -19.27
C LEU A 321 -20.04 -10.67 -18.75
N GLN A 322 -19.61 -10.37 -17.52
CA GLN A 322 -18.76 -11.24 -16.72
C GLN A 322 -19.60 -11.78 -15.58
N THR A 323 -19.48 -13.06 -15.30
CA THR A 323 -20.27 -13.66 -14.24
C THR A 323 -19.47 -13.73 -12.94
N LEU A 324 -20.20 -13.79 -11.84
CA LEU A 324 -19.65 -13.98 -10.51
C LEU A 324 -20.41 -15.13 -9.85
N SER A 325 -19.72 -15.91 -9.03
CA SER A 325 -20.37 -17.01 -8.34
C SER A 325 -19.61 -17.43 -7.09
N MET B 7 3.72 -0.77 10.18
CA MET B 7 4.09 -1.79 9.21
C MET B 7 5.33 -2.56 9.68
N PRO B 8 5.28 -3.89 9.58
CA PRO B 8 6.44 -4.71 9.91
C PRO B 8 7.57 -4.48 8.92
N ILE B 9 8.79 -4.75 9.37
CA ILE B 9 9.94 -4.66 8.47
C ILE B 9 9.85 -5.78 7.44
N LEU B 10 9.97 -5.42 6.17
CA LEU B 10 9.98 -6.37 5.07
C LEU B 10 11.40 -6.55 4.55
N ASP B 11 11.67 -7.72 3.97
CA ASP B 11 12.93 -7.91 3.26
C ASP B 11 13.03 -6.94 2.09
N SER B 12 14.23 -6.42 1.85
CA SER B 12 14.45 -5.49 0.75
C SER B 12 15.72 -5.81 -0.03
N ASP B 13 15.71 -5.42 -1.31
CA ASP B 13 16.89 -5.29 -2.16
C ASP B 13 17.07 -3.83 -2.52
N ILE B 14 18.32 -3.39 -2.65
CA ILE B 14 18.63 -2.02 -3.00
C ILE B 14 19.56 -2.01 -4.22
N LEU B 15 19.27 -1.11 -5.16
CA LEU B 15 20.19 -0.76 -6.24
C LEU B 15 20.49 0.72 -6.11
N TYR B 16 21.77 1.07 -6.02
CA TYR B 16 22.19 2.44 -5.72
C TYR B 16 23.32 2.82 -6.66
N LEU B 17 23.15 3.92 -7.39
CA LEU B 17 24.17 4.43 -8.28
C LEU B 17 24.48 5.88 -7.93
N TYR B 18 25.76 6.23 -7.90
CA TYR B 18 26.18 7.61 -7.72
C TYR B 18 27.49 7.78 -8.44
N ASP B 19 27.79 9.00 -8.87
CA ASP B 19 29.04 9.18 -9.58
C ASP B 19 29.95 10.11 -8.81
N ALA B 20 31.23 10.04 -9.15
CA ALA B 20 32.29 10.79 -8.49
C ALA B 20 33.21 11.27 -9.59
N LYS B 21 33.57 12.54 -9.54
CA LYS B 21 34.26 13.19 -10.66
C LYS B 21 35.38 14.03 -10.05
N LEU B 22 36.60 13.51 -10.13
CA LEU B 22 37.78 14.17 -9.56
C LEU B 22 38.54 14.96 -10.60
N ARG B 36 56.88 1.39 -13.85
CA ARG B 36 56.30 2.64 -14.33
C ARG B 36 55.19 2.39 -15.35
N MET B 37 54.14 3.20 -15.27
CA MET B 37 52.92 3.00 -16.05
C MET B 37 52.33 4.34 -16.45
N ASP B 38 51.65 4.37 -17.59
CA ASP B 38 50.70 5.43 -17.90
C ASP B 38 49.49 4.79 -18.59
N SER B 39 48.52 5.62 -18.94
CA SER B 39 47.29 5.16 -19.61
C SER B 39 46.57 4.13 -18.74
N VAL B 40 46.60 4.34 -17.43
CA VAL B 40 46.09 3.35 -16.49
C VAL B 40 44.57 3.42 -16.45
N THR B 41 43.93 2.25 -16.45
CA THR B 41 42.49 2.14 -16.27
C THR B 41 42.20 0.92 -15.40
N GLY B 42 40.99 0.87 -14.87
CA GLY B 42 40.61 -0.28 -14.07
C GLY B 42 39.20 -0.12 -13.54
N ARG B 43 38.84 -1.01 -12.63
CA ARG B 43 37.54 -0.99 -11.98
C ARG B 43 37.69 -0.37 -10.60
N ASN B 44 37.07 0.79 -10.42
CA ASN B 44 37.09 1.48 -9.14
C ASN B 44 36.23 0.73 -8.13
N LEU B 45 36.70 0.65 -6.89
CA LEU B 45 36.00 -0.08 -5.83
C LEU B 45 35.75 0.84 -4.64
N VAL B 46 34.60 0.68 -4.00
CA VAL B 46 34.23 1.46 -2.82
C VAL B 46 33.76 0.48 -1.75
N SER B 47 34.38 0.54 -0.58
CA SER B 47 34.02 -0.40 0.47
C SER B 47 32.63 -0.08 1.01
N ASP B 48 31.92 -1.11 1.46
CA ASP B 48 30.66 -0.86 2.15
C ASP B 48 30.91 -0.07 3.43
N VAL B 49 32.08 -0.24 4.04
CA VAL B 49 32.43 0.53 5.23
C VAL B 49 32.45 2.02 4.92
N ARG B 50 32.99 2.38 3.75
CA ARG B 50 33.04 3.79 3.36
C ARG B 50 31.64 4.35 3.15
N LEU B 51 30.76 3.59 2.48
CA LEU B 51 29.41 4.06 2.25
C LEU B 51 28.66 4.25 3.56
N LYS B 52 28.78 3.30 4.48
CA LYS B 52 28.11 3.45 5.77
C LYS B 52 28.68 4.62 6.55
N ARG B 53 29.96 4.95 6.34
CA ARG B 53 30.53 6.10 7.02
C ARG B 53 29.90 7.40 6.54
N TYR B 54 29.60 7.51 5.24
CA TYR B 54 28.90 8.69 4.75
C TYR B 54 27.54 8.83 5.44
N LEU B 55 26.81 7.71 5.52
CA LEU B 55 25.47 7.73 6.09
C LEU B 55 25.52 8.11 7.57
N ARG B 56 26.48 7.55 8.31
CA ARG B 56 26.59 7.85 9.73
C ARG B 56 26.96 9.32 9.96
N ASP B 57 27.95 9.82 9.22
CA ASP B 57 28.35 11.22 9.38
C ASP B 57 27.20 12.16 9.10
N TYR B 58 26.33 11.79 8.15
CA TYR B 58 25.16 12.60 7.84
C TYR B 58 24.19 12.65 9.01
N TRP B 59 23.92 11.50 9.64
CA TRP B 59 23.03 11.49 10.79
C TRP B 59 23.66 12.17 11.99
N LEU B 60 24.99 12.04 12.14
CA LEU B 60 25.69 12.74 13.21
C LEU B 60 25.55 14.25 13.06
N ASP B 61 25.75 14.75 11.83
CA ASP B 61 25.57 16.18 11.56
C ASP B 61 24.12 16.61 11.74
N ASP B 62 23.16 15.67 11.70
CA ASP B 62 21.77 15.97 12.00
C ASP B 62 21.46 15.86 13.49
N GLY B 63 22.49 15.74 14.33
CA GLY B 63 22.32 15.74 15.78
C GLY B 63 21.97 14.41 16.41
N GLN B 64 21.92 13.33 15.65
CA GLN B 64 21.55 12.05 16.23
C GLN B 64 22.74 11.40 16.94
N ASP B 65 22.42 10.54 17.90
CA ASP B 65 23.45 9.77 18.58
C ASP B 65 23.85 8.58 17.71
N ILE B 66 25.14 8.46 17.44
CA ILE B 66 25.67 7.46 16.53
C ILE B 66 26.80 6.71 17.23
N TRP B 67 26.86 5.39 17.02
CA TRP B 67 27.89 4.59 17.67
C TRP B 67 29.26 4.79 17.05
N VAL B 68 29.34 4.73 15.72
CA VAL B 68 30.63 4.80 15.02
C VAL B 68 30.89 6.27 14.72
N ARG B 69 31.49 6.98 15.66
CA ARG B 69 31.76 8.39 15.52
C ARG B 69 33.16 8.70 16.05
N LYS B 70 33.66 9.87 15.69
CA LYS B 70 35.00 10.30 16.08
C LYS B 70 34.95 11.58 16.91
N GLY B 74 37.24 12.65 12.42
CA GLY B 74 38.31 13.26 13.18
C GLY B 74 39.13 12.25 13.95
N THR B 75 39.26 12.45 15.27
CA THR B 75 39.96 11.50 16.11
C THR B 75 38.95 10.47 16.60
N THR B 76 39.23 9.20 16.37
CA THR B 76 38.31 8.14 16.72
C THR B 76 38.33 7.85 18.23
N THR B 77 37.22 7.30 18.70
CA THR B 77 37.02 7.01 20.11
C THR B 77 37.20 5.52 20.37
N ASP B 78 37.90 5.20 21.46
CA ASP B 78 38.10 3.80 21.83
C ASP B 78 36.75 3.17 22.16
N ALA B 79 36.41 2.09 21.44
CA ALA B 79 35.09 1.51 21.58
C ALA B 79 34.84 0.98 22.99
N LYS B 80 35.86 0.34 23.59
CA LYS B 80 35.67 -0.21 24.92
C LYS B 80 35.45 0.88 25.97
N SER B 81 36.09 2.04 25.79
CA SER B 81 35.83 3.17 26.68
C SER B 81 34.43 3.72 26.46
N ARG B 82 33.99 3.82 25.21
CA ARG B 82 32.64 4.29 24.92
C ARG B 82 31.59 3.36 25.51
N MET B 83 31.82 2.03 25.42
CA MET B 83 30.88 1.08 26.00
C MET B 83 30.87 1.15 27.52
N SER B 84 32.04 1.37 28.14
CA SER B 84 32.07 1.51 29.59
C SER B 84 31.23 2.68 30.05
N VAL B 85 31.28 3.80 29.31
CA VAL B 85 30.46 4.96 29.65
C VAL B 85 28.99 4.65 29.50
N LEU B 86 28.62 3.95 28.42
CA LEU B 86 27.22 3.63 28.19
C LEU B 86 26.69 2.70 29.28
N LEU B 87 27.49 1.70 29.65
CA LEU B 87 27.04 0.76 30.68
C LEU B 87 26.86 1.45 32.03
N GLU B 88 27.80 2.33 32.39
CA GLU B 88 27.66 3.04 33.66
C GLU B 88 26.43 3.95 33.66
N GLU B 89 26.12 4.55 32.50
CA GLU B 89 24.93 5.37 32.41
C GLU B 89 23.68 4.53 32.56
N TYR B 90 23.63 3.39 31.87
CA TYR B 90 22.48 2.49 32.00
C TYR B 90 22.32 2.03 33.44
N ASN B 91 23.43 1.73 34.12
CA ASN B 91 23.33 1.23 35.48
C ASN B 91 22.76 2.29 36.43
N ARG B 92 23.21 3.54 36.33
CA ARG B 92 22.70 4.53 37.26
C ARG B 92 21.26 4.93 36.93
N THR B 93 20.89 4.94 35.64
CA THR B 93 19.51 5.25 35.30
C THR B 93 18.56 4.10 35.65
N SER B 94 18.99 2.86 35.47
CA SER B 94 18.10 1.73 35.73
C SER B 94 18.12 1.26 37.18
N GLY B 95 19.00 1.80 38.02
CA GLY B 95 19.12 1.26 39.36
C GLY B 95 19.69 -0.14 39.40
N GLN B 96 20.45 -0.53 38.39
CA GLN B 96 21.10 -1.83 38.36
C GLN B 96 22.60 -1.66 38.59
N LYS B 97 23.28 -2.79 38.69
CA LYS B 97 24.71 -2.79 38.88
C LYS B 97 25.30 -3.90 38.00
N LEU B 98 24.87 -3.92 36.74
CA LEU B 98 25.33 -4.93 35.81
C LEU B 98 26.85 -4.85 35.63
N SER B 99 27.50 -6.02 35.71
CA SER B 99 28.89 -6.14 35.30
C SER B 99 28.93 -6.31 33.79
N THR B 100 30.14 -6.25 33.21
CA THR B 100 30.25 -6.37 31.77
C THR B 100 29.75 -7.73 31.29
N LYS B 101 30.00 -8.79 32.07
CA LYS B 101 29.49 -10.09 31.68
C LYS B 101 27.97 -10.15 31.83
N GLU B 102 27.43 -9.57 32.91
CA GLU B 102 25.97 -9.51 33.05
C GLU B 102 25.35 -8.62 31.97
N ALA B 103 26.03 -7.51 31.65
CA ALA B 103 25.51 -6.62 30.62
C ALA B 103 25.43 -7.31 29.26
N ARG B 104 26.37 -8.20 28.97
CA ARG B 104 26.35 -8.90 27.69
C ARG B 104 25.10 -9.75 27.56
N ASN B 105 24.64 -10.34 28.66
CA ASN B 105 23.48 -11.24 28.67
C ASN B 105 22.18 -10.51 28.95
N SER B 106 22.21 -9.18 29.04
CA SER B 106 21.05 -8.41 29.49
C SER B 106 20.24 -7.94 28.29
N GLY B 107 19.05 -8.55 28.12
CA GLY B 107 18.15 -8.09 27.07
C GLY B 107 17.71 -6.65 27.25
N GLU B 108 17.57 -6.20 28.51
CA GLU B 108 17.18 -4.79 28.69
C GLU B 108 18.31 -3.84 28.32
N PHE B 109 19.54 -4.14 28.71
CA PHE B 109 20.65 -3.27 28.31
C PHE B 109 20.85 -3.28 26.80
N ARG B 110 20.73 -4.45 26.16
CA ARG B 110 20.87 -4.50 24.71
C ARG B 110 19.80 -3.67 24.03
N SER B 111 18.54 -3.79 24.49
CA SER B 111 17.46 -3.00 23.93
C SER B 111 17.64 -1.50 24.21
N TRP B 112 18.21 -1.16 25.36
CA TRP B 112 18.48 0.24 25.69
C TRP B 112 19.55 0.82 24.77
N LEU B 113 20.56 0.04 24.43
CA LEU B 113 21.55 0.49 23.46
C LEU B 113 20.92 0.72 22.09
N LEU B 114 20.11 -0.24 21.65
CA LEU B 114 19.48 -0.13 20.32
C LEU B 114 18.56 1.07 20.23
N ASP B 115 17.79 1.35 21.29
CA ASP B 115 16.91 2.51 21.29
C ASP B 115 17.68 3.80 21.14
N ARG B 116 18.95 3.81 21.57
CA ARG B 116 19.75 5.03 21.60
C ARG B 116 20.57 5.24 20.33
N LEU B 117 20.94 4.18 19.62
CA LEU B 117 21.90 4.28 18.50
C LEU B 117 21.27 3.76 17.22
N MET B 118 20.76 4.68 16.39
CA MET B 118 20.07 4.28 15.17
C MET B 118 21.00 3.55 14.20
N ASP B 119 22.29 3.92 14.16
CA ASP B 119 23.18 3.25 13.21
C ASP B 119 23.40 1.79 13.59
N VAL B 120 23.26 1.46 14.88
CA VAL B 120 23.35 0.05 15.28
C VAL B 120 22.08 -0.70 14.88
N ARG B 121 20.92 -0.05 15.00
CA ARG B 121 19.69 -0.70 14.58
C ARG B 121 19.74 -1.05 13.10
N LEU B 122 20.39 -0.21 12.30
CA LEU B 122 20.50 -0.43 10.87
C LEU B 122 21.67 -1.34 10.49
N PHE B 123 22.88 -1.02 10.95
CA PHE B 123 24.08 -1.67 10.46
C PHE B 123 24.72 -2.62 11.45
N GLY B 124 24.20 -2.72 12.67
CA GLY B 124 24.82 -3.57 13.67
C GLY B 124 26.08 -2.92 14.20
N ALA B 125 26.77 -3.66 15.07
CA ALA B 125 28.02 -3.20 15.65
C ALA B 125 28.64 -4.35 16.43
N THR B 126 29.95 -4.28 16.60
CA THR B 126 30.66 -5.08 17.60
C THR B 126 31.07 -4.11 18.70
N MET B 127 30.61 -4.37 19.93
CA MET B 127 30.71 -3.40 21.02
C MET B 127 31.48 -4.06 22.14
N PRO B 128 32.81 -3.92 22.15
CA PRO B 128 33.63 -4.56 23.18
C PRO B 128 33.50 -3.88 24.53
N MET B 129 33.61 -4.70 25.57
CA MET B 129 33.69 -4.24 26.95
C MET B 129 34.90 -4.91 27.58
N GLU B 130 35.25 -4.47 28.78
CA GLU B 130 36.32 -5.16 29.50
C GLU B 130 35.91 -6.62 29.73
N ASN B 131 36.66 -7.54 29.13
CA ASN B 131 36.46 -8.98 29.29
C ASN B 131 35.08 -9.45 28.83
N SER B 132 34.48 -8.75 27.86
CA SER B 132 33.19 -9.15 27.32
C SER B 132 32.98 -8.40 26.00
N SER B 133 31.89 -8.72 25.31
CA SER B 133 31.56 -7.99 24.10
C SER B 133 30.10 -8.27 23.71
N ILE B 134 29.48 -7.27 23.12
CA ILE B 134 28.14 -7.40 22.53
C ILE B 134 28.27 -7.27 21.03
N THR B 135 27.58 -8.15 20.30
CA THR B 135 27.59 -8.12 18.84
C THR B 135 26.17 -8.01 18.32
N PHE B 136 25.91 -6.99 17.52
CA PHE B 136 24.66 -6.87 16.78
C PHE B 136 24.96 -7.06 15.31
N THR B 137 24.21 -7.94 14.65
CA THR B 137 24.37 -8.18 13.22
C THR B 137 23.31 -7.36 12.48
N GLY B 138 23.77 -6.40 11.68
CA GLY B 138 22.90 -5.43 11.07
C GLY B 138 21.97 -6.00 10.02
N PRO B 139 20.68 -5.65 10.12
CA PRO B 139 19.74 -6.00 9.04
C PRO B 139 20.06 -5.37 7.69
N VAL B 140 20.65 -4.18 7.65
CA VAL B 140 21.00 -3.52 6.40
C VAL B 140 22.46 -3.82 6.10
N GLN B 141 22.71 -4.40 4.93
CA GLN B 141 24.05 -4.79 4.53
C GLN B 141 24.28 -4.37 3.08
N PHE B 142 25.48 -3.91 2.80
CA PHE B 142 25.85 -3.49 1.45
C PHE B 142 27.01 -4.34 0.94
N SER B 143 26.94 -4.67 -0.35
CA SER B 143 28.09 -5.14 -1.11
C SER B 143 29.17 -4.05 -1.13
N TRP B 144 30.37 -4.44 -1.56
CA TRP B 144 31.28 -3.42 -2.05
C TRP B 144 30.71 -2.84 -3.33
N GLY B 145 30.90 -1.54 -3.50
CA GLY B 145 30.52 -0.89 -4.73
C GLY B 145 31.63 -0.99 -5.75
N TYR B 146 31.26 -0.96 -7.03
CA TYR B 146 32.25 -0.93 -8.08
C TYR B 146 31.76 -0.06 -9.21
N SER B 147 32.71 0.46 -9.99
CA SER B 147 32.33 1.26 -11.15
C SER B 147 31.67 0.36 -12.18
N LEU B 148 30.59 0.87 -12.79
CA LEU B 148 29.86 0.12 -13.80
C LEU B 148 30.56 0.18 -15.16
N HIS B 149 31.70 0.85 -15.22
CA HIS B 149 32.51 0.98 -16.41
C HIS B 149 33.95 1.01 -15.95
N ARG B 150 34.89 0.88 -16.88
CA ARG B 150 36.28 1.07 -16.53
C ARG B 150 36.58 2.55 -16.41
N VAL B 151 37.28 2.93 -15.34
CA VAL B 151 37.60 4.32 -15.07
C VAL B 151 39.05 4.59 -15.46
N GLU B 152 39.35 5.85 -15.71
CA GLU B 152 40.70 6.28 -16.00
C GLU B 152 41.34 6.87 -14.75
N ILE B 153 42.59 6.53 -14.52
CA ILE B 153 43.40 7.10 -13.44
C ILE B 153 44.47 7.96 -14.08
N ASN B 154 44.49 9.23 -13.73
CA ASN B 154 45.43 10.13 -14.36
C ASN B 154 46.05 11.05 -13.32
N ARG B 182 42.82 11.31 -8.52
CA ARG B 182 43.38 10.20 -9.30
C ARG B 182 42.36 9.66 -10.30
N VAL B 183 41.18 9.27 -9.84
CA VAL B 183 40.17 8.72 -10.75
C VAL B 183 39.42 9.87 -11.41
N LEU B 184 39.38 9.86 -12.74
CA LEU B 184 38.76 10.98 -13.46
C LEU B 184 37.25 11.01 -13.29
N TYR B 185 36.60 9.86 -13.47
CA TYR B 185 35.14 9.80 -13.40
C TYR B 185 34.72 8.35 -13.12
N SER B 186 33.75 8.18 -12.25
CA SER B 186 33.35 6.85 -11.82
C SER B 186 31.86 6.83 -11.48
N LEU B 187 31.07 6.08 -12.24
CA LEU B 187 29.69 5.80 -11.87
C LEU B 187 29.69 4.50 -11.06
N ILE B 188 29.44 4.63 -9.76
CA ILE B 188 29.58 3.54 -8.79
C ILE B 188 28.22 2.91 -8.54
N GLY B 189 28.18 1.59 -8.52
CA GLY B 189 26.96 0.86 -8.21
C GLY B 189 27.11 0.04 -6.94
N PHE B 190 26.10 0.10 -6.08
CA PHE B 190 26.03 -0.67 -4.85
C PHE B 190 24.79 -1.57 -4.86
N HIS B 191 24.93 -2.78 -4.33
CA HIS B 191 23.79 -3.62 -4.01
C HIS B 191 23.67 -3.67 -2.49
N GLY B 192 22.45 -3.56 -2.00
CA GLY B 192 22.22 -3.68 -0.58
C GLY B 192 21.01 -4.56 -0.32
N ILE B 193 20.90 -5.02 0.93
CA ILE B 193 19.75 -5.80 1.36
C ILE B 193 19.27 -5.29 2.71
N VAL B 194 17.99 -5.52 2.98
CA VAL B 194 17.43 -5.40 4.33
C VAL B 194 16.91 -6.78 4.70
N SER B 195 17.36 -7.29 5.84
CA SER B 195 17.00 -8.63 6.31
C SER B 195 15.92 -8.50 7.39
N ARG B 196 14.73 -9.02 7.08
CA ARG B 196 13.64 -9.04 8.04
C ARG B 196 14.04 -9.78 9.32
N ASN B 197 14.72 -10.91 9.18
CA ASN B 197 15.05 -11.70 10.36
C ASN B 197 16.05 -10.99 11.27
N ARG B 198 17.08 -10.37 10.69
CA ARG B 198 18.02 -9.63 11.50
C ARG B 198 17.40 -8.40 12.14
N ALA B 199 16.41 -7.79 11.48
CA ALA B 199 15.79 -6.59 12.02
C ALA B 199 15.04 -6.86 13.31
N ARG B 200 14.61 -8.11 13.53
CA ARG B 200 13.96 -8.45 14.79
C ARG B 200 14.94 -8.38 15.96
N HIS B 201 16.22 -8.64 15.72
CA HIS B 201 17.21 -8.66 16.79
C HIS B 201 17.88 -7.31 17.01
N THR B 202 17.63 -6.32 16.16
CA THR B 202 18.19 -4.99 16.37
C THR B 202 17.13 -3.94 16.62
N GLY B 203 15.86 -4.33 16.74
CA GLY B 203 14.82 -3.35 17.00
C GLY B 203 14.60 -2.36 15.88
N LEU B 204 14.92 -2.73 14.64
CA LEU B 204 14.81 -1.83 13.51
C LEU B 204 13.37 -1.32 13.39
N ARG B 205 13.24 -0.01 13.18
CA ARG B 205 11.95 0.65 13.08
C ARG B 205 11.69 1.03 11.63
N GLU B 206 10.41 1.04 11.25
CA GLU B 206 10.03 1.45 9.91
C GLU B 206 10.56 2.85 9.60
N SER B 207 10.55 3.74 10.61
CA SER B 207 11.11 5.07 10.42
C SER B 207 12.62 5.04 10.19
N ASP B 208 13.31 4.01 10.67
CA ASP B 208 14.74 3.90 10.39
C ASP B 208 15.00 3.64 8.91
N LEU B 209 14.13 2.87 8.27
CA LEU B 209 14.31 2.59 6.85
C LEU B 209 13.98 3.81 6.01
N GLU B 210 12.99 4.58 6.44
CA GLU B 210 12.72 5.86 5.79
C GLU B 210 13.88 6.83 5.96
N ALA B 211 14.51 6.83 7.13
CA ALA B 211 15.71 7.64 7.29
C ALA B 211 16.85 7.15 6.40
N LEU B 212 16.94 5.84 6.21
CA LEU B 212 17.96 5.31 5.31
C LEU B 212 17.73 5.78 3.88
N ASP B 213 16.47 5.70 3.41
CA ASP B 213 16.16 6.15 2.05
C ASP B 213 16.54 7.59 1.84
N ARG B 214 16.19 8.46 2.79
CA ARG B 214 16.51 9.88 2.66
C ARG B 214 18.01 10.12 2.73
N ALA B 215 18.72 9.34 3.56
CA ALA B 215 20.17 9.49 3.65
C ALA B 215 20.87 9.04 2.37
N MET B 216 20.30 8.05 1.67
CA MET B 216 20.90 7.63 0.40
C MET B 216 20.85 8.76 -0.61
N LEU B 217 19.87 9.65 -0.50
CA LEU B 217 19.78 10.80 -1.38
C LEU B 217 20.67 11.96 -0.94
N GLU B 218 20.87 12.14 0.37
CA GLU B 218 21.44 13.38 0.86
C GLU B 218 22.80 13.24 1.52
N ALA B 219 23.19 12.05 1.97
CA ALA B 219 24.39 11.91 2.79
C ALA B 219 25.66 12.13 1.99
N ILE B 220 25.76 11.47 0.83
CA ILE B 220 26.98 11.57 0.03
C ILE B 220 27.29 13.00 -0.40
N PRO B 221 26.35 13.75 -1.00
CA PRO B 221 26.67 15.16 -1.33
C PRO B 221 27.04 15.99 -0.12
N THR B 222 26.43 15.73 1.04
CA THR B 222 26.77 16.50 2.24
C THR B 222 28.17 16.14 2.73
N GLU B 223 28.56 14.87 2.62
CA GLU B 223 29.91 14.41 2.96
C GLU B 223 30.59 13.76 1.76
N ILE B 230 35.89 13.72 -5.84
CA ILE B 230 35.72 15.12 -5.48
C ILE B 230 34.24 15.43 -5.32
N GLY B 231 33.58 15.74 -6.44
CA GLY B 231 32.13 15.90 -6.41
C GLY B 231 31.45 14.56 -6.54
N GLN B 232 30.51 14.28 -5.65
CA GLN B 232 29.83 12.99 -5.61
C GLN B 232 28.33 13.20 -5.50
N ILE B 233 27.58 12.61 -6.43
CA ILE B 233 26.17 12.92 -6.63
C ILE B 233 25.38 11.62 -6.77
N PRO B 234 24.41 11.33 -5.89
CA PRO B 234 23.53 10.18 -6.13
C PRO B 234 22.77 10.36 -7.43
N ARG B 235 22.64 9.27 -8.17
CA ARG B 235 21.98 9.35 -9.47
C ARG B 235 20.76 8.45 -9.58
N PHE B 236 20.73 7.34 -8.83
CA PHE B 236 19.63 6.39 -8.94
C PHE B 236 19.56 5.64 -7.62
N TYR B 237 18.36 5.49 -7.08
CA TYR B 237 18.17 4.71 -5.87
C TYR B 237 16.83 4.00 -5.97
N LEU B 238 16.87 2.67 -5.89
CA LEU B 238 15.67 1.86 -5.94
C LEU B 238 15.73 0.88 -4.79
N ARG B 239 14.69 0.87 -3.95
CA ARG B 239 14.55 -0.14 -2.91
C ARG B 239 13.28 -0.92 -3.16
N LEU B 240 13.42 -2.23 -3.30
CA LEU B 240 12.31 -3.14 -3.51
C LEU B 240 12.00 -3.88 -2.22
N GLU B 241 10.74 -3.83 -1.78
CA GLU B 241 10.30 -4.53 -0.58
C GLU B 241 9.46 -5.75 -0.97
N TYR B 242 9.63 -6.84 -0.24
CA TYR B 242 8.99 -8.09 -0.57
C TYR B 242 7.93 -8.43 0.46
N SER B 243 6.85 -9.07 -0.01
CA SER B 243 5.80 -9.52 0.89
C SER B 243 6.33 -10.53 1.91
N GLU B 244 5.77 -10.48 3.11
CA GLU B 244 6.15 -11.41 4.17
C GLU B 244 6.07 -12.84 3.70
N GLY B 245 7.18 -13.58 3.89
CA GLY B 245 7.25 -14.97 3.55
C GLY B 245 7.60 -15.26 2.10
N TYR B 246 7.72 -14.25 1.26
CA TYR B 246 8.10 -14.49 -0.12
C TYR B 246 9.55 -14.97 -0.16
N PRO B 247 9.85 -16.08 -0.81
CA PRO B 247 11.18 -16.68 -0.68
C PRO B 247 12.22 -16.16 -1.65
N TYR B 248 11.81 -15.54 -2.75
CA TYR B 248 12.72 -15.18 -3.82
C TYR B 248 13.02 -13.68 -3.79
N ARG B 249 14.09 -13.31 -4.50
CA ARG B 249 14.55 -11.94 -4.55
C ARG B 249 15.00 -11.60 -5.95
N VAL B 250 14.90 -10.33 -6.31
CA VAL B 250 15.56 -9.88 -7.53
C VAL B 250 17.07 -10.00 -7.39
N GLY B 251 17.59 -9.72 -6.20
CA GLY B 251 19.03 -9.79 -6.01
C GLY B 251 19.78 -8.58 -6.55
N ASP B 252 21.01 -8.83 -6.99
CA ASP B 252 21.92 -7.78 -7.43
C ASP B 252 21.61 -7.40 -8.88
N LEU B 253 21.16 -6.17 -9.08
CA LEU B 253 20.77 -5.68 -10.40
C LEU B 253 21.89 -4.99 -11.17
N ARG B 254 23.07 -4.83 -10.56
CA ARG B 254 24.09 -3.96 -11.15
C ARG B 254 24.54 -4.42 -12.52
N GLU B 255 24.68 -5.73 -12.72
CA GLU B 255 25.12 -6.20 -14.02
C GLU B 255 24.04 -6.08 -15.09
N ASP B 256 22.77 -5.91 -14.69
CA ASP B 256 21.70 -5.69 -15.64
C ASP B 256 21.61 -4.25 -16.13
N VAL B 257 22.25 -3.31 -15.44
CA VAL B 257 22.33 -1.95 -15.94
C VAL B 257 23.25 -1.91 -17.15
N VAL B 258 22.82 -1.18 -18.19
CA VAL B 258 23.62 -1.04 -19.41
C VAL B 258 23.85 0.45 -19.63
N LEU B 259 25.12 0.83 -19.79
CA LEU B 259 25.50 2.19 -20.13
C LEU B 259 25.68 2.29 -21.63
N GLU B 260 25.08 3.29 -22.24
CA GLU B 260 25.15 3.49 -23.68
C GLU B 260 25.83 4.82 -23.99
N PRO B 261 27.08 4.83 -24.43
CA PRO B 261 27.76 6.10 -24.67
C PRO B 261 27.08 6.91 -25.77
N VAL B 262 27.10 8.22 -25.60
CA VAL B 262 26.62 9.13 -26.63
C VAL B 262 27.66 9.20 -27.75
N GLN B 263 27.24 9.72 -28.89
CA GLN B 263 28.14 9.81 -30.03
C GLN B 263 29.39 10.59 -29.66
N GLY B 264 30.54 10.07 -30.10
CA GLY B 264 31.83 10.63 -29.76
C GLY B 264 32.46 10.05 -28.51
N LYS B 265 31.69 9.34 -27.69
CA LYS B 265 32.18 8.74 -26.47
C LYS B 265 32.15 7.21 -26.57
N THR B 266 32.95 6.57 -25.74
CA THR B 266 32.97 5.12 -25.60
C THR B 266 32.89 4.76 -24.13
N LEU B 267 32.69 3.47 -23.86
CA LEU B 267 32.65 2.97 -22.49
C LEU B 267 33.99 3.13 -21.78
N ASP B 268 35.07 3.40 -22.50
CA ASP B 268 36.36 3.64 -21.90
C ASP B 268 36.67 5.13 -21.70
N THR B 269 35.82 6.04 -22.18
CA THR B 269 36.12 7.46 -22.13
C THR B 269 34.99 8.27 -21.47
N LEU B 270 34.19 7.64 -20.62
CA LEU B 270 33.14 8.38 -19.93
C LEU B 270 33.76 9.32 -18.90
N ARG B 271 33.38 10.61 -18.95
CA ARG B 271 33.96 11.62 -18.08
C ARG B 271 32.93 12.48 -17.38
N ASP B 272 31.64 12.29 -17.66
CA ASP B 272 30.60 13.13 -17.11
C ASP B 272 29.26 12.42 -17.30
N VAL B 273 28.27 12.81 -16.49
CA VAL B 273 26.97 12.14 -16.55
C VAL B 273 26.31 12.33 -17.91
N ARG B 274 26.65 13.38 -18.65
CA ARG B 274 26.06 13.55 -19.98
C ARG B 274 26.72 12.69 -21.05
N ASP B 275 27.76 11.92 -20.73
CA ASP B 275 28.46 11.16 -21.75
C ASP B 275 27.78 9.84 -22.09
N TYR B 276 26.69 9.48 -21.40
CA TYR B 276 26.11 8.16 -21.58
C TYR B 276 24.63 8.20 -21.22
N VAL B 277 23.91 7.18 -21.69
CA VAL B 277 22.53 6.94 -21.31
C VAL B 277 22.52 5.68 -20.45
N ILE B 278 21.73 5.70 -19.37
CA ILE B 278 21.57 4.54 -18.51
C ILE B 278 20.33 3.78 -18.98
N ASN B 279 20.54 2.59 -19.55
CA ASN B 279 19.45 1.77 -20.04
C ASN B 279 18.99 0.83 -18.94
N LEU B 280 17.73 0.98 -18.51
CA LEU B 280 17.14 0.20 -17.44
C LEU B 280 16.27 -0.95 -17.94
N GLU B 281 16.29 -1.24 -19.24
CA GLU B 281 15.31 -2.19 -19.79
C GLU B 281 15.47 -3.57 -19.17
N LYS B 282 16.70 -4.07 -19.07
CA LYS B 282 16.91 -5.38 -18.45
C LYS B 282 16.63 -5.35 -16.96
N VAL B 283 16.85 -4.21 -16.30
CA VAL B 283 16.48 -4.07 -14.90
C VAL B 283 14.97 -4.20 -14.71
N ALA B 284 14.20 -3.59 -15.61
CA ALA B 284 12.75 -3.75 -15.57
C ALA B 284 12.36 -5.21 -15.78
N ASP B 285 13.04 -5.90 -16.70
CA ASP B 285 12.71 -7.28 -16.99
C ASP B 285 12.97 -8.17 -15.78
N ARG B 286 14.12 -7.97 -15.12
CA ARG B 286 14.46 -8.79 -13.96
C ARG B 286 13.47 -8.59 -12.83
N ILE B 287 13.01 -7.35 -12.62
CA ILE B 287 12.06 -7.09 -11.55
C ILE B 287 10.69 -7.69 -11.87
N ALA B 288 10.31 -7.70 -13.16
CA ALA B 288 8.97 -8.16 -13.51
C ALA B 288 8.76 -9.62 -13.13
N VAL B 289 9.80 -10.44 -13.25
CA VAL B 289 9.69 -11.86 -12.94
C VAL B 289 9.31 -12.07 -11.48
N ARG B 290 9.76 -11.18 -10.58
CA ARG B 290 9.50 -11.31 -9.16
C ARG B 290 8.33 -10.45 -8.71
N LEU B 291 7.53 -9.94 -9.65
CA LEU B 291 6.42 -9.04 -9.31
C LEU B 291 5.42 -9.73 -8.39
N ASP B 292 5.31 -11.07 -8.46
CA ASP B 292 4.36 -11.77 -7.60
C ASP B 292 4.72 -11.64 -6.13
N GLY B 293 5.96 -11.28 -5.80
CA GLY B 293 6.33 -11.13 -4.40
C GLY B 293 6.59 -9.70 -3.96
N LEU B 294 6.42 -8.74 -4.87
CA LEU B 294 6.78 -7.36 -4.58
C LEU B 294 5.69 -6.68 -3.77
N ALA B 295 6.06 -6.13 -2.62
CA ALA B 295 5.12 -5.40 -1.77
C ALA B 295 5.14 -3.90 -2.01
N GLY B 296 6.28 -3.34 -2.39
CA GLY B 296 6.41 -1.91 -2.56
C GLY B 296 7.77 -1.59 -3.12
N ALA B 297 7.92 -0.35 -3.57
CA ALA B 297 9.18 0.09 -4.15
C ALA B 297 9.36 1.56 -3.87
N ARG B 298 10.60 1.96 -3.62
CA ARG B 298 10.98 3.36 -3.48
C ARG B 298 11.95 3.68 -4.61
N LEU B 299 11.75 4.80 -5.30
CA LEU B 299 12.61 5.10 -6.44
C LEU B 299 12.94 6.58 -6.47
N TYR B 300 14.23 6.88 -6.70
CA TYR B 300 14.70 8.25 -6.90
C TYR B 300 15.59 8.25 -8.12
N VAL B 301 15.47 9.28 -8.96
CA VAL B 301 16.37 9.48 -10.09
C VAL B 301 16.80 10.95 -10.14
N HIS B 302 18.06 11.17 -10.47
CA HIS B 302 18.58 12.53 -10.61
C HIS B 302 18.13 13.10 -11.95
N PRO B 303 17.66 14.36 -11.97
CA PRO B 303 17.14 14.94 -13.21
C PRO B 303 18.17 15.05 -14.34
N ASP B 304 19.46 15.13 -14.02
CA ASP B 304 20.46 15.29 -15.08
C ASP B 304 20.83 13.99 -15.77
N VAL B 305 20.37 12.83 -15.28
CA VAL B 305 20.64 11.57 -15.95
C VAL B 305 19.67 11.41 -17.13
N THR B 306 20.16 10.85 -18.23
CA THR B 306 19.31 10.45 -19.35
C THR B 306 19.11 8.95 -19.27
N PHE B 307 17.87 8.53 -19.08
CA PHE B 307 17.54 7.11 -18.99
C PHE B 307 16.90 6.61 -20.27
N ARG B 308 17.06 5.33 -20.53
CA ARG B 308 16.21 4.56 -21.43
C ARG B 308 15.52 3.50 -20.59
N GLY B 309 14.23 3.30 -20.82
CA GLY B 309 13.51 2.28 -20.10
C GLY B 309 13.10 2.63 -18.68
N LEU B 310 13.23 3.89 -18.28
CA LEU B 310 12.67 4.31 -17.00
C LEU B 310 11.15 4.18 -17.00
N ASP B 311 10.52 4.40 -18.15
CA ASP B 311 9.07 4.21 -18.25
C ASP B 311 8.70 2.75 -18.11
N SER B 312 9.53 1.84 -18.63
CA SER B 312 9.29 0.41 -18.42
C SER B 312 9.40 0.05 -16.94
N LEU B 313 10.37 0.64 -16.25
CA LEU B 313 10.56 0.32 -14.83
C LEU B 313 9.37 0.79 -14.00
N THR B 314 8.95 2.05 -14.20
CA THR B 314 7.81 2.54 -13.43
C THR B 314 6.53 1.82 -13.80
N GLY B 315 6.41 1.38 -15.06
CA GLY B 315 5.23 0.65 -15.45
C GLY B 315 5.15 -0.73 -14.84
N VAL B 316 6.29 -1.41 -14.73
CA VAL B 316 6.34 -2.69 -14.04
C VAL B 316 5.96 -2.51 -12.57
N LEU B 317 6.57 -1.51 -11.92
CA LEU B 317 6.33 -1.31 -10.49
C LEU B 317 4.90 -0.87 -10.21
N GLY B 318 4.27 -0.14 -11.14
CA GLY B 318 2.86 0.18 -11.03
C GLY B 318 2.53 0.93 -9.76
N ASP B 319 1.41 0.55 -9.14
CA ASP B 319 0.91 1.20 -7.94
C ASP B 319 1.74 0.90 -6.70
N LYS B 320 2.68 -0.04 -6.79
CA LYS B 320 3.57 -0.33 -5.66
C LYS B 320 4.64 0.75 -5.47
N LEU B 321 4.83 1.63 -6.44
CA LEU B 321 5.93 2.58 -6.43
C LEU B 321 5.59 3.82 -5.60
N GLN B 322 6.46 4.14 -4.64
CA GLN B 322 6.49 5.45 -4.00
C GLN B 322 7.76 6.15 -4.46
N THR B 323 7.63 7.42 -4.80
CA THR B 323 8.78 8.14 -5.31
C THR B 323 9.46 8.93 -4.20
N LEU B 324 10.74 9.24 -4.43
CA LEU B 324 11.55 10.07 -3.57
C LEU B 324 12.18 11.15 -4.44
N SER B 325 12.34 12.34 -3.87
CA SER B 325 12.98 13.43 -4.62
C SER B 325 13.57 14.48 -3.69
#